data_5AWL
# 
_entry.id   5AWL 
# 
_audit_conform.dict_name       mmcif_pdbx.dic 
_audit_conform.dict_version    5.387 
_audit_conform.dict_location   http://mmcif.pdb.org/dictionaries/ascii/mmcif_pdbx.dic 
# 
loop_
_database_2.database_id 
_database_2.database_code 
_database_2.pdbx_database_accession 
_database_2.pdbx_DOI 
PDB   5AWL         pdb_00005awl 10.2210/pdb5awl/pdb 
WWPDB D_1300000091 ?            ?                   
# 
loop_
_pdbx_audit_revision_history.ordinal 
_pdbx_audit_revision_history.data_content_type 
_pdbx_audit_revision_history.major_revision 
_pdbx_audit_revision_history.minor_revision 
_pdbx_audit_revision_history.revision_date 
1 'Structure model' 1 0 2015-08-12 
2 'Structure model' 1 1 2015-08-26 
3 'Structure model' 1 2 2024-03-20 
# 
_pdbx_audit_revision_details.ordinal             1 
_pdbx_audit_revision_details.revision_ordinal    1 
_pdbx_audit_revision_details.data_content_type   'Structure model' 
_pdbx_audit_revision_details.provider            repository 
_pdbx_audit_revision_details.type                'Initial release' 
_pdbx_audit_revision_details.description         ? 
_pdbx_audit_revision_details.details             ? 
# 
loop_
_pdbx_audit_revision_group.ordinal 
_pdbx_audit_revision_group.revision_ordinal 
_pdbx_audit_revision_group.data_content_type 
_pdbx_audit_revision_group.group 
1 2 'Structure model' Other                  
2 3 'Structure model' 'Data collection'      
3 3 'Structure model' 'Database references'  
4 3 'Structure model' 'Derived calculations' 
5 3 'Structure model' 'Source and taxonomy'  
# 
loop_
_pdbx_audit_revision_category.ordinal 
_pdbx_audit_revision_category.revision_ordinal 
_pdbx_audit_revision_category.data_content_type 
_pdbx_audit_revision_category.category 
1 3 'Structure model' chem_comp_atom              
2 3 'Structure model' chem_comp_bond              
3 3 'Structure model' database_2                  
4 3 'Structure model' diffrn_radiation_wavelength 
5 3 'Structure model' pdbx_entity_src_syn         
6 3 'Structure model' pdbx_prerelease_seq         
7 3 'Structure model' pdbx_struct_oper_list       
# 
loop_
_pdbx_audit_revision_item.ordinal 
_pdbx_audit_revision_item.revision_ordinal 
_pdbx_audit_revision_item.data_content_type 
_pdbx_audit_revision_item.item 
1 3 'Structure model' '_database_2.pdbx_DOI'                      
2 3 'Structure model' '_database_2.pdbx_database_accession'       
3 3 'Structure model' '_pdbx_entity_src_syn.pdbx_alt_source_flag' 
4 3 'Structure model' '_pdbx_struct_oper_list.symmetry_operation' 
# 
_pdbx_database_status.status_code                     REL 
_pdbx_database_status.status_code_sf                  REL 
_pdbx_database_status.status_code_mr                  ? 
_pdbx_database_status.entry_id                        5AWL 
_pdbx_database_status.recvd_initial_deposition_date   2015-07-05 
_pdbx_database_status.SG_entry                        N 
_pdbx_database_status.deposit_site                    PDBJ 
_pdbx_database_status.process_site                    PDBJ 
_pdbx_database_status.status_code_cs                  ? 
_pdbx_database_status.methods_development_category    ? 
_pdbx_database_status.pdb_format_compatible           Y 
_pdbx_database_status.status_code_nmr_data            ? 
# 
loop_
_pdbx_database_related.content_type 
_pdbx_database_related.db_id 
_pdbx_database_related.db_name 
_pdbx_database_related.details 
unspecified 1UAO PDB 'NMR STRUCTURE of DESIGNED PROTEIN, CHIGNOLIN, CONSISTING OF ONLY TEN AMINO ACIDS' 
unspecified 2RVD PDB 'NMR STRUCTURE of A MUTANT OF CHIGNOLIN, CLN025'                                   
# 
loop_
_audit_author.name 
_audit_author.pdbx_ordinal 
'Akiba, T.'    1 
'Ishimura, M.' 2 
'Odahara, T.'  3 
'Harata, K.'   4 
'Honda, S.'    5 
# 
loop_
_citation.abstract 
_citation.abstract_id_CAS 
_citation.book_id_ISBN 
_citation.book_publisher 
_citation.book_publisher_city 
_citation.book_title 
_citation.coordinate_linkage 
_citation.country 
_citation.database_id_Medline 
_citation.details 
_citation.id 
_citation.journal_abbrev 
_citation.journal_id_ASTM 
_citation.journal_id_CSD 
_citation.journal_id_ISSN 
_citation.journal_full 
_citation.journal_issue 
_citation.journal_volume 
_citation.language 
_citation.page_first 
_citation.page_last 
_citation.title 
_citation.year 
_citation.database_id_CSD 
_citation.pdbx_database_id_DOI 
_citation.pdbx_database_id_PubMed 
_citation.unpublished_flag 
? ? ? ? ? ? ? US ? ? primary J.Am.Chem.Soc. JACSAT ?    1520-5126 ? ? 130 ? 15327 15331 
'Crystal structure of a ten-amino acid protein'             2008 ? 10.1021/ja8030533         18950166 ? 
? ? ? ? ? ? ? UK ? ? 1       Structure      STRUE6 2005 0969-2126 ? ? 12  ? 1507  1518  
'10 residue folded peptide designed by segment statistics.' 2004 ? 10.1016/j.str.2004.05.022 15296744 ? 
# 
loop_
_citation_author.citation_id 
_citation_author.name 
_citation_author.ordinal 
_citation_author.identifier_ORCID 
primary 'Honda, S.'    1  ? 
primary 'Akiba, T.'    2  ? 
primary 'Kato, Y.S.'   3  ? 
primary 'Sawada, Y.'   4  ? 
primary 'Sekijima, M.' 5  ? 
primary 'Ishimura, M.' 6  ? 
primary 'Ooishi, A.'   7  ? 
primary 'Watanabe, H.' 8  ? 
primary 'Odahara, T.'  9  ? 
primary 'Harata, K.'   10 ? 
1       'Honda, S.'    11 ? 
1       'Yamasaki, K.' 12 ? 
1       'Sawada, Y.'   13 ? 
1       'Morii, H.'    14 ? 
# 
loop_
_entity.id 
_entity.type 
_entity.src_method 
_entity.pdbx_description 
_entity.formula_weight 
_entity.pdbx_number_of_molecules 
_entity.pdbx_ec 
_entity.pdbx_mutation 
_entity.pdbx_fragment 
_entity.details 
1 polymer syn 'A mutant of Chignolin, CLN025' 1294.322 1  ? 'G1Y G10Y' ? ? 
2 water   nat water                           18.015   12 ? ?          ? ? 
# 
_entity_poly.entity_id                      1 
_entity_poly.type                           'polypeptide(L)' 
_entity_poly.nstd_linkage                   no 
_entity_poly.nstd_monomer                   no 
_entity_poly.pdbx_seq_one_letter_code       YYDPETGTWY 
_entity_poly.pdbx_seq_one_letter_code_can   YYDPETGTWY 
_entity_poly.pdbx_strand_id                 A 
_entity_poly.pdbx_target_identifier         ? 
# 
_pdbx_entity_nonpoly.entity_id   2 
_pdbx_entity_nonpoly.name        water 
_pdbx_entity_nonpoly.comp_id     HOH 
# 
loop_
_entity_poly_seq.entity_id 
_entity_poly_seq.num 
_entity_poly_seq.mon_id 
_entity_poly_seq.hetero 
1 1  TYR n 
1 2  TYR n 
1 3  ASP n 
1 4  PRO n 
1 5  GLU n 
1 6  THR n 
1 7  GLY n 
1 8  THR n 
1 9  TRP n 
1 10 TYR n 
# 
_pdbx_entity_src_syn.entity_id              1 
_pdbx_entity_src_syn.pdbx_src_id            1 
_pdbx_entity_src_syn.pdbx_alt_source_flag   sample 
_pdbx_entity_src_syn.pdbx_beg_seq_num       1 
_pdbx_entity_src_syn.pdbx_end_seq_num       10 
_pdbx_entity_src_syn.organism_scientific    'synthetic construct' 
_pdbx_entity_src_syn.organism_common_name   ? 
_pdbx_entity_src_syn.ncbi_taxonomy_id       32630 
_pdbx_entity_src_syn.details                ? 
# 
loop_
_chem_comp.id 
_chem_comp.type 
_chem_comp.mon_nstd_flag 
_chem_comp.name 
_chem_comp.pdbx_synonyms 
_chem_comp.formula 
_chem_comp.formula_weight 
ASP 'L-peptide linking' y 'ASPARTIC ACID' ? 'C4 H7 N O4'    133.103 
GLU 'L-peptide linking' y 'GLUTAMIC ACID' ? 'C5 H9 N O4'    147.129 
GLY 'peptide linking'   y GLYCINE         ? 'C2 H5 N O2'    75.067  
HOH non-polymer         . WATER           ? 'H2 O'          18.015  
PRO 'L-peptide linking' y PROLINE         ? 'C5 H9 N O2'    115.130 
THR 'L-peptide linking' y THREONINE       ? 'C4 H9 N O3'    119.119 
TRP 'L-peptide linking' y TRYPTOPHAN      ? 'C11 H12 N2 O2' 204.225 
TYR 'L-peptide linking' y TYROSINE        ? 'C9 H11 N O3'   181.189 
# 
loop_
_pdbx_poly_seq_scheme.asym_id 
_pdbx_poly_seq_scheme.entity_id 
_pdbx_poly_seq_scheme.seq_id 
_pdbx_poly_seq_scheme.mon_id 
_pdbx_poly_seq_scheme.ndb_seq_num 
_pdbx_poly_seq_scheme.pdb_seq_num 
_pdbx_poly_seq_scheme.auth_seq_num 
_pdbx_poly_seq_scheme.pdb_mon_id 
_pdbx_poly_seq_scheme.auth_mon_id 
_pdbx_poly_seq_scheme.pdb_strand_id 
_pdbx_poly_seq_scheme.pdb_ins_code 
_pdbx_poly_seq_scheme.hetero 
A 1 1  TYR 1  1  1  TYR TYR A . n 
A 1 2  TYR 2  2  2  TYR TYR A . n 
A 1 3  ASP 3  3  3  ASP ASP A . n 
A 1 4  PRO 4  4  4  PRO PRO A . n 
A 1 5  GLU 5  5  5  GLU GLU A . n 
A 1 6  THR 6  6  6  THR THR A . n 
A 1 7  GLY 7  7  7  GLY GLY A . n 
A 1 8  THR 8  8  8  THR THR A . n 
A 1 9  TRP 9  9  9  TRP TRP A . n 
A 1 10 TYR 10 10 10 TYR TYR A . n 
# 
loop_
_pdbx_nonpoly_scheme.asym_id 
_pdbx_nonpoly_scheme.entity_id 
_pdbx_nonpoly_scheme.mon_id 
_pdbx_nonpoly_scheme.ndb_seq_num 
_pdbx_nonpoly_scheme.pdb_seq_num 
_pdbx_nonpoly_scheme.auth_seq_num 
_pdbx_nonpoly_scheme.pdb_mon_id 
_pdbx_nonpoly_scheme.auth_mon_id 
_pdbx_nonpoly_scheme.pdb_strand_id 
_pdbx_nonpoly_scheme.pdb_ins_code 
B 2 HOH 1  101 1008 HOH HOH A . 
B 2 HOH 2  102 1007 HOH HOH A . 
B 2 HOH 3  103 1001 HOH HOH A . 
B 2 HOH 4  104 1005 HOH HOH A . 
B 2 HOH 5  105 1006 HOH HOH A . 
B 2 HOH 6  106 1002 HOH HOH A . 
B 2 HOH 7  107 1009 HOH HOH A . 
B 2 HOH 8  108 1004 HOH HOH A . 
B 2 HOH 9  109 1011 HOH HOH A . 
B 2 HOH 10 110 1003 HOH HOH A . 
B 2 HOH 11 111 1010 HOH HOH A . 
B 2 HOH 12 112 1012 HOH HOH A . 
# 
loop_
_software.citation_id 
_software.classification 
_software.compiler_name 
_software.compiler_version 
_software.contact_author 
_software.contact_author_email 
_software.date 
_software.description 
_software.dependencies 
_software.hardware 
_software.language 
_software.location 
_software.mods 
_software.name 
_software.os 
_software.os_version 
_software.type 
_software.version 
_software.pdbx_ordinal 
? 'data processing' ? ? ? ? ? ? ? ? ? ? ? SAINT     ? ? ? .   1 
? phasing           ? ? ? ? ? ? ? ? ? ? ? SnB       ? ? ? 2.2 2 
? refinement        ? ? ? ? ? ? ? ? ? ? ? CNS       ? ? ? .   3 
? 'data reduction'  ? ? ? ? ? ? ? ? ? ? ? SMART6000 ? ? ? .   4 
? 'data scaling'    ? ? ? ? ? ? ? ? ? ? ? SAINTPLUS ? ? ? .   5 
? refinement        ? ? ? ? ? ? ? ? ? ? ? SHELXL-97 ? ? ? .   6 
# 
_cell.angle_alpha                  90.00 
_cell.angle_alpha_esd              ? 
_cell.angle_beta                   90.00 
_cell.angle_beta_esd               ? 
_cell.angle_gamma                  90.00 
_cell.angle_gamma_esd              ? 
_cell.entry_id                     5AWL 
_cell.details                      ? 
_cell.formula_units_Z              ? 
_cell.length_a                     19.246 
_cell.length_a_esd                 ? 
_cell.length_b                     33.597 
_cell.length_b_esd                 ? 
_cell.length_c                     11.551 
_cell.length_c_esd                 ? 
_cell.volume                       ? 
_cell.volume_esd                   ? 
_cell.Z_PDB                        4 
_cell.reciprocal_angle_alpha       ? 
_cell.reciprocal_angle_beta        ? 
_cell.reciprocal_angle_gamma       ? 
_cell.reciprocal_angle_alpha_esd   ? 
_cell.reciprocal_angle_beta_esd    ? 
_cell.reciprocal_angle_gamma_esd   ? 
_cell.reciprocal_length_a          ? 
_cell.reciprocal_length_b          ? 
_cell.reciprocal_length_c          ? 
_cell.reciprocal_length_a_esd      ? 
_cell.reciprocal_length_b_esd      ? 
_cell.reciprocal_length_c_esd      ? 
_cell.pdbx_unique_axis             ? 
# 
_symmetry.entry_id                         5AWL 
_symmetry.cell_setting                     ? 
_symmetry.Int_Tables_number                18 
_symmetry.space_group_name_Hall            ? 
_symmetry.space_group_name_H-M             'P 21 21 2' 
_symmetry.pdbx_full_space_group_name_H-M   ? 
# 
_exptl.absorpt_coefficient_mu     ? 
_exptl.absorpt_correction_T_max   ? 
_exptl.absorpt_correction_T_min   ? 
_exptl.absorpt_correction_type    ? 
_exptl.absorpt_process_details    ? 
_exptl.entry_id                   5AWL 
_exptl.crystals_number            1 
_exptl.details                    ? 
_exptl.method                     'X-RAY DIFFRACTION' 
_exptl.method_details             ? 
# 
_exptl_crystal.colour                      ? 
_exptl_crystal.density_diffrn              ? 
_exptl_crystal.density_Matthews            1.40 
_exptl_crystal.density_method              ? 
_exptl_crystal.density_percent_sol         14.1 
_exptl_crystal.description                 ? 
_exptl_crystal.F_000                       ? 
_exptl_crystal.id                          1 
_exptl_crystal.preparation                 ? 
_exptl_crystal.size_max                    ? 
_exptl_crystal.size_mid                    ? 
_exptl_crystal.size_min                    ? 
_exptl_crystal.size_rad                    ? 
_exptl_crystal.colour_lustre               ? 
_exptl_crystal.colour_modifier             ? 
_exptl_crystal.colour_primary              ? 
_exptl_crystal.density_meas                ? 
_exptl_crystal.density_meas_esd            ? 
_exptl_crystal.density_meas_gt             ? 
_exptl_crystal.density_meas_lt             ? 
_exptl_crystal.density_meas_temp           ? 
_exptl_crystal.density_meas_temp_esd       ? 
_exptl_crystal.density_meas_temp_gt        ? 
_exptl_crystal.density_meas_temp_lt        ? 
_exptl_crystal.pdbx_crystal_image_url      ? 
_exptl_crystal.pdbx_crystal_image_format   ? 
_exptl_crystal.pdbx_mosaicity              ? 
_exptl_crystal.pdbx_mosaicity_esd          ? 
# 
_exptl_crystal_grow.apparatus       ? 
_exptl_crystal_grow.atmosphere      ? 
_exptl_crystal_grow.crystal_id      1 
_exptl_crystal_grow.details         ? 
_exptl_crystal_grow.method          'VAPOR DIFFUSION, HANGING DROP' 
_exptl_crystal_grow.method_ref      ? 
_exptl_crystal_grow.pH              5.0 
_exptl_crystal_grow.pressure        ? 
_exptl_crystal_grow.pressure_esd    ? 
_exptl_crystal_grow.seeding         ? 
_exptl_crystal_grow.seeding_ref     ? 
_exptl_crystal_grow.temp            283 
_exptl_crystal_grow.temp_details    ? 
_exptl_crystal_grow.temp_esd        ? 
_exptl_crystal_grow.time            ? 
_exptl_crystal_grow.pdbx_details    
;using 2 uL drop of protein at 5 mg/mL in a solution of 35.7 mM sodium citrate-citric acid buffer (pH 5.0) containing 14.5% saturated ammonium sulfate against a crystallization well solution of 71.4 mM sodium citrate-citric acid
buffer (pH 5.0) containing 29% saturated ammonium sulfate.
;
_exptl_crystal_grow.pdbx_pH_range   5.0 
# 
_diffrn.ambient_environment    ? 
_diffrn.ambient_temp           290 
_diffrn.ambient_temp_details   ? 
_diffrn.ambient_temp_esd       ? 
_diffrn.crystal_id             1 
_diffrn.crystal_support        ? 
_diffrn.crystal_treatment      ? 
_diffrn.details                ? 
_diffrn.id                     1 
_diffrn.ambient_pressure       ? 
_diffrn.ambient_pressure_esd   ? 
_diffrn.ambient_pressure_gt    ? 
_diffrn.ambient_pressure_lt    ? 
_diffrn.ambient_temp_gt        ? 
_diffrn.ambient_temp_lt        ? 
# 
_diffrn_detector.details                      'OSMIC CONFOCAL MAX-FLUX' 
_diffrn_detector.detector                     CCD 
_diffrn_detector.diffrn_id                    1 
_diffrn_detector.type                         'BRUKER SMART 6000' 
_diffrn_detector.area_resol_mean              ? 
_diffrn_detector.dtime                        ? 
_diffrn_detector.pdbx_frames_total            ? 
_diffrn_detector.pdbx_collection_time_total   ? 
_diffrn_detector.pdbx_collection_date         2005-12-09 
# 
_diffrn_radiation.collimation                      ? 
_diffrn_radiation.diffrn_id                        1 
_diffrn_radiation.filter_edge                      ? 
_diffrn_radiation.inhomogeneity                    ? 
_diffrn_radiation.monochromator                    ? 
_diffrn_radiation.polarisn_norm                    ? 
_diffrn_radiation.polarisn_ratio                   ? 
_diffrn_radiation.probe                            ? 
_diffrn_radiation.type                             ? 
_diffrn_radiation.xray_symbol                      ? 
_diffrn_radiation.wavelength_id                    1 
_diffrn_radiation.pdbx_monochromatic_or_laue_m_l   M 
_diffrn_radiation.pdbx_wavelength_list             ? 
_diffrn_radiation.pdbx_wavelength                  ? 
_diffrn_radiation.pdbx_diffrn_protocol             'SINGLE WAVELENGTH' 
_diffrn_radiation.pdbx_analyzer                    ? 
_diffrn_radiation.pdbx_scattering_type             x-ray 
# 
_diffrn_radiation_wavelength.id           1 
_diffrn_radiation_wavelength.wavelength   1.54 
_diffrn_radiation_wavelength.wt           1.0 
# 
_diffrn_source.current                     ? 
_diffrn_source.details                     ? 
_diffrn_source.diffrn_id                   1 
_diffrn_source.power                       ? 
_diffrn_source.size                        ? 
_diffrn_source.source                      'ROTATING ANODE' 
_diffrn_source.target                      ? 
_diffrn_source.type                        MACSCIENCE 
_diffrn_source.voltage                     ? 
_diffrn_source.take-off_angle              ? 
_diffrn_source.pdbx_wavelength_list        1.54 
_diffrn_source.pdbx_wavelength             ? 
_diffrn_source.pdbx_synchrotron_beamline   ? 
_diffrn_source.pdbx_synchrotron_site       ? 
# 
_reflns.B_iso_Wilson_estimate            ? 
_reflns.entry_id                         5AWL 
_reflns.data_reduction_details           ? 
_reflns.data_reduction_method            ? 
_reflns.d_resolution_high                1.11 
_reflns.d_resolution_low                 16.8 
_reflns.details                          ? 
_reflns.limit_h_max                      ? 
_reflns.limit_h_min                      ? 
_reflns.limit_k_max                      ? 
_reflns.limit_k_min                      ? 
_reflns.limit_l_max                      ? 
_reflns.limit_l_min                      ? 
_reflns.number_all                       ? 
_reflns.number_obs                       3094 
_reflns.observed_criterion               ? 
_reflns.observed_criterion_F_max         ? 
_reflns.observed_criterion_F_min         ? 
_reflns.observed_criterion_I_max         ? 
_reflns.observed_criterion_I_min         ? 
_reflns.observed_criterion_sigma_F       ? 
_reflns.observed_criterion_sigma_I       ? 
_reflns.percent_possible_obs             95.9 
_reflns.R_free_details                   ? 
_reflns.Rmerge_F_all                     ? 
_reflns.Rmerge_F_obs                     ? 
_reflns.Friedel_coverage                 ? 
_reflns.number_gt                        ? 
_reflns.threshold_expression             ? 
_reflns.pdbx_redundancy                  6.5 
_reflns.pdbx_Rmerge_I_obs                0.057 
_reflns.pdbx_Rmerge_I_all                ? 
_reflns.pdbx_Rsym_value                  ? 
_reflns.pdbx_netI_over_av_sigmaI         ? 
_reflns.pdbx_netI_over_sigmaI            26.4 
_reflns.pdbx_res_netI_over_av_sigmaI_2   ? 
_reflns.pdbx_res_netI_over_sigmaI_2      ? 
_reflns.pdbx_chi_squared                 ? 
_reflns.pdbx_scaling_rejects             ? 
_reflns.pdbx_d_res_high_opt              ? 
_reflns.pdbx_d_res_low_opt               ? 
_reflns.pdbx_d_res_opt_method            ? 
_reflns.phase_calculation_details        ? 
_reflns.pdbx_Rrim_I_all                  ? 
_reflns.pdbx_Rpim_I_all                  ? 
_reflns.pdbx_d_opt                       ? 
_reflns.pdbx_number_measured_all         ? 
_reflns.pdbx_diffrn_id                   1 
_reflns.pdbx_ordinal                     1 
_reflns.pdbx_CC_half                     ? 
_reflns.pdbx_R_split                     ? 
# 
_reflns_shell.d_res_high                  1.11 
_reflns_shell.d_res_low                   1.71 
_reflns_shell.meanI_over_sigI_all         ? 
_reflns_shell.meanI_over_sigI_obs         5.0 
_reflns_shell.number_measured_all         ? 
_reflns_shell.number_measured_obs         ? 
_reflns_shell.number_possible             ? 
_reflns_shell.number_unique_all           ? 
_reflns_shell.number_unique_obs           ? 
_reflns_shell.percent_possible_all        88.9 
_reflns_shell.percent_possible_obs        ? 
_reflns_shell.Rmerge_F_all                ? 
_reflns_shell.Rmerge_F_obs                ? 
_reflns_shell.Rmerge_I_all                ? 
_reflns_shell.Rmerge_I_obs                0.203 
_reflns_shell.meanI_over_sigI_gt          ? 
_reflns_shell.meanI_over_uI_all           ? 
_reflns_shell.meanI_over_uI_gt            ? 
_reflns_shell.number_measured_gt          ? 
_reflns_shell.number_unique_gt            ? 
_reflns_shell.percent_possible_gt         ? 
_reflns_shell.Rmerge_F_gt                 ? 
_reflns_shell.Rmerge_I_gt                 ? 
_reflns_shell.pdbx_redundancy             4.0 
_reflns_shell.pdbx_Rsym_value             ? 
_reflns_shell.pdbx_chi_squared            ? 
_reflns_shell.pdbx_netI_over_sigmaI_all   ? 
_reflns_shell.pdbx_netI_over_sigmaI_obs   ? 
_reflns_shell.pdbx_Rrim_I_all             ? 
_reflns_shell.pdbx_Rpim_I_all             ? 
_reflns_shell.pdbx_rejects                ? 
_reflns_shell.pdbx_ordinal                1 
_reflns_shell.pdbx_diffrn_id              1 
_reflns_shell.pdbx_CC_half                ? 
_reflns_shell.pdbx_R_split                ? 
# 
_refine.aniso_B[1][1]                            ? 
_refine.aniso_B[1][2]                            ? 
_refine.aniso_B[1][3]                            ? 
_refine.aniso_B[2][2]                            ? 
_refine.aniso_B[2][3]                            ? 
_refine.aniso_B[3][3]                            ? 
_refine.B_iso_max                                ? 
_refine.B_iso_mean                               ? 
_refine.B_iso_min                                ? 
_refine.correlation_coeff_Fo_to_Fc               ? 
_refine.correlation_coeff_Fo_to_Fc_free          ? 
_refine.details                                  ? 
_refine.diff_density_max                         ? 
_refine.diff_density_max_esd                     ? 
_refine.diff_density_min                         ? 
_refine.diff_density_min_esd                     ? 
_refine.diff_density_rms                         ? 
_refine.diff_density_rms_esd                     ? 
_refine.entry_id                                 5AWL 
_refine.pdbx_refine_id                           'X-RAY DIFFRACTION' 
_refine.ls_abs_structure_details                 ? 
_refine.ls_abs_structure_Flack                   ? 
_refine.ls_abs_structure_Flack_esd               ? 
_refine.ls_abs_structure_Rogers                  ? 
_refine.ls_abs_structure_Rogers_esd              ? 
_refine.ls_d_res_high                            1.11 
_refine.ls_d_res_low                             16.8 
_refine.ls_extinction_coef                       ? 
_refine.ls_extinction_coef_esd                   ? 
_refine.ls_extinction_expression                 ? 
_refine.ls_extinction_method                     ? 
_refine.ls_goodness_of_fit_all                   ? 
_refine.ls_goodness_of_fit_all_esd               ? 
_refine.ls_goodness_of_fit_obs                   ? 
_refine.ls_goodness_of_fit_obs_esd               ? 
_refine.ls_hydrogen_treatment                    ? 
_refine.ls_matrix_type                           ? 
_refine.ls_number_constraints                    ? 
_refine.ls_number_parameters                     940 
_refine.ls_number_reflns_all                     3087 
_refine.ls_number_reflns_obs                     3080 
_refine.ls_number_reflns_R_free                  287 
_refine.ls_number_reflns_R_work                  ? 
_refine.ls_number_restraints                     1193 
_refine.ls_percent_reflns_obs                    95.7 
_refine.ls_percent_reflns_R_free                 10.2 
_refine.ls_R_factor_all                          ? 
_refine.ls_R_factor_obs                          0.0880 
_refine.ls_R_factor_R_free                       0.1188 
_refine.ls_R_factor_R_free_error                 ? 
_refine.ls_R_factor_R_free_error_details         ? 
_refine.ls_R_factor_R_work                       ? 
_refine.ls_R_Fsqd_factor_obs                     ? 
_refine.ls_R_I_factor_obs                        ? 
_refine.ls_redundancy_reflns_all                 ? 
_refine.ls_redundancy_reflns_obs                 ? 
_refine.ls_restrained_S_all                      ? 
_refine.ls_restrained_S_obs                      ? 
_refine.ls_shift_over_esd_max                    ? 
_refine.ls_shift_over_esd_mean                   ? 
_refine.ls_structure_factor_coef                 ? 
_refine.ls_weighting_details                     ? 
_refine.ls_weighting_scheme                      ? 
_refine.ls_wR_factor_all                         ? 
_refine.ls_wR_factor_obs                         ? 
_refine.ls_wR_factor_R_free                      ? 
_refine.ls_wR_factor_R_work                      ? 
_refine.occupancy_max                            ? 
_refine.occupancy_min                            ? 
_refine.solvent_model_details                    ? 
_refine.solvent_model_param_bsol                 ? 
_refine.solvent_model_param_ksol                 ? 
_refine.ls_R_factor_gt                           ? 
_refine.ls_goodness_of_fit_gt                    ? 
_refine.ls_goodness_of_fit_ref                   ? 
_refine.ls_shift_over_su_max                     ? 
_refine.ls_shift_over_su_max_lt                  ? 
_refine.ls_shift_over_su_mean                    ? 
_refine.ls_shift_over_su_mean_lt                 ? 
_refine.pdbx_ls_sigma_I                          ? 
_refine.pdbx_ls_sigma_F                          0.0 
_refine.pdbx_ls_sigma_Fsqd                       ? 
_refine.pdbx_data_cutoff_high_absF               ? 
_refine.pdbx_data_cutoff_high_rms_absF           ? 
_refine.pdbx_data_cutoff_low_absF                ? 
_refine.pdbx_isotropic_thermal_model             ? 
_refine.pdbx_ls_cross_valid_method               'FREE R-VALUE' 
_refine.pdbx_method_to_determine_struct          'AB INITIO PHASING' 
_refine.pdbx_starting_model                      ? 
_refine.pdbx_stereochemistry_target_values       'ENGH AND HUBER' 
_refine.pdbx_R_Free_selection_details            RANDOM 
_refine.pdbx_stereochem_target_val_spec_case     ? 
_refine.pdbx_overall_ESU_R                       ? 
_refine.pdbx_overall_ESU_R_Free                  ? 
_refine.pdbx_solvent_vdw_probe_radii             ? 
_refine.pdbx_solvent_ion_probe_radii             ? 
_refine.pdbx_solvent_shrinkage_radii             ? 
_refine.pdbx_real_space_R                        ? 
_refine.pdbx_density_correlation                 ? 
_refine.pdbx_pd_number_of_powder_patterns        ? 
_refine.pdbx_pd_number_of_points                 ? 
_refine.pdbx_pd_meas_number_of_points            ? 
_refine.pdbx_pd_proc_ls_prof_R_factor            ? 
_refine.pdbx_pd_proc_ls_prof_wR_factor           ? 
_refine.pdbx_pd_Marquardt_correlation_coeff      ? 
_refine.pdbx_pd_Fsqrd_R_factor                   ? 
_refine.pdbx_pd_ls_matrix_band_width             ? 
_refine.pdbx_overall_phase_error                 ? 
_refine.pdbx_overall_SU_R_free_Cruickshank_DPI   ? 
_refine.pdbx_overall_SU_R_free_Blow_DPI          ? 
_refine.pdbx_overall_SU_R_Blow_DPI               ? 
_refine.pdbx_TLS_residual_ADP_flag               ? 
_refine.pdbx_diffrn_id                           1 
_refine.overall_SU_B                             ? 
_refine.overall_SU_ML                            ? 
_refine.overall_SU_R_Cruickshank_DPI             ? 
_refine.overall_SU_R_free                        ? 
_refine.overall_FOM_free_R_set                   ? 
_refine.overall_FOM_work_R_set                   ? 
_refine.pdbx_average_fsc_overall                 ? 
_refine.pdbx_average_fsc_work                    ? 
_refine.pdbx_average_fsc_free                    ? 
# 
_refine_analyze.entry_id                        5AWL 
_refine_analyze.pdbx_refine_id                  'X-RAY DIFFRACTION' 
_refine_analyze.Luzzati_coordinate_error_free   ? 
_refine_analyze.Luzzati_coordinate_error_obs    ? 
_refine_analyze.Luzzati_d_res_low_free          ? 
_refine_analyze.Luzzati_d_res_low_obs           ? 
_refine_analyze.Luzzati_sigma_a_free            ? 
_refine_analyze.Luzzati_sigma_a_free_details    ? 
_refine_analyze.Luzzati_sigma_a_obs             ? 
_refine_analyze.Luzzati_sigma_a_obs_details     ? 
_refine_analyze.number_disordered_residues      0 
_refine_analyze.occupancy_sum_hydrogen          73.00 
_refine_analyze.occupancy_sum_non_hydrogen      103.50 
_refine_analyze.RG_d_res_high                   ? 
_refine_analyze.RG_d_res_low                    ? 
_refine_analyze.RG_free                         ? 
_refine_analyze.RG_work                         ? 
_refine_analyze.RG_free_work_ratio              ? 
_refine_analyze.pdbx_Luzzati_d_res_high_obs     ? 
# 
_refine_hist.pdbx_refine_id                   'X-RAY DIFFRACTION' 
_refine_hist.cycle_id                         LAST 
_refine_hist.pdbx_number_atoms_protein        93 
_refine_hist.pdbx_number_atoms_nucleic_acid   0 
_refine_hist.pdbx_number_atoms_ligand         0 
_refine_hist.number_atoms_solvent             12 
_refine_hist.number_atoms_total               105 
_refine_hist.d_res_high                       1.11 
_refine_hist.d_res_low                        16.8 
# 
loop_
_refine_ls_restr.pdbx_refine_id 
_refine_ls_restr.criterion 
_refine_ls_restr.dev_ideal 
_refine_ls_restr.dev_ideal_target 
_refine_ls_restr.number 
_refine_ls_restr.rejects 
_refine_ls_restr.type 
_refine_ls_restr.weight 
_refine_ls_restr.pdbx_restraint_function 
'X-RAY DIFFRACTION' ? 0.016  ? ? ? s_bond_d               ? ? 
'X-RAY DIFFRACTION' ? 0.026  ? ? ? s_angle_d              ? ? 
'X-RAY DIFFRACTION' ? 0.000  ? ? ? s_similar_dist         ? ? 
'X-RAY DIFFRACTION' ? 0.0215 ? ? ? s_from_restr_planes    ? ? 
'X-RAY DIFFRACTION' ? 0.079  ? ? ? s_zero_chiral_vol      ? ? 
'X-RAY DIFFRACTION' ? 0.100  ? ? ? s_non_zero_chiral_vol  ? ? 
'X-RAY DIFFRACTION' ? 0.193  ? ? ? s_anti_bump_dis_restr  ? ? 
'X-RAY DIFFRACTION' ? 0.006  ? ? ? s_rigid_bond_adp_cmpnt ? ? 
'X-RAY DIFFRACTION' ? 0.035  ? ? ? s_similar_adp_cmpnt    ? ? 
'X-RAY DIFFRACTION' ? 0.110  ? ? ? s_approx_iso_adps      ? ? 
# 
_pdbx_refine.pdbx_refine_id                              'X-RAY DIFFRACTION' 
_pdbx_refine.entry_id                                    5AWL 
_pdbx_refine.R_factor_all_no_cutoff                      ? 
_pdbx_refine.R_factor_obs_no_cutoff                      0.0880 
_pdbx_refine.free_R_factor_no_cutoff                     0.1188 
_pdbx_refine.free_R_error_no_cutoff                      ? 
_pdbx_refine.free_R_val_test_set_size_perc_no_cutoff     10.2 
_pdbx_refine.free_R_val_test_set_ct_no_cutoff            287 
_pdbx_refine.R_factor_all_4sig_cutoff                    0.0797 
_pdbx_refine.R_factor_obs_4sig_cutoff                    0.0814 
_pdbx_refine.free_R_factor_4sig_cutoff                   0.1133 
_pdbx_refine.free_R_val_test_set_size_perc_4sig_cutoff   10.4 
_pdbx_refine.free_R_val_test_set_ct_4sig_cutoff          253 
_pdbx_refine.number_reflns_obs_4sig_cutoff               2682 
# 
_struct.entry_id                     5AWL 
_struct.title                        'CRYSTAL STRUCTURE OF A MUTANT OF CHIGNOLIN, CLN025' 
_struct.pdbx_model_details           ? 
_struct.pdbx_formula_weight          ? 
_struct.pdbx_formula_weight_method   ? 
_struct.pdbx_model_type_details      ? 
_struct.pdbx_CASP_flag               ? 
# 
_struct_keywords.entry_id        5AWL 
_struct_keywords.text            'DE NOVO PROTEIN, BETA-HAIRPIN, MINI-PROTEIN, MINIATURE PROTEIN' 
_struct_keywords.pdbx_keywords   'DE NOVO PROTEIN' 
# 
loop_
_struct_asym.id 
_struct_asym.pdbx_blank_PDB_chainid_flag 
_struct_asym.pdbx_modified 
_struct_asym.entity_id 
_struct_asym.details 
A N N 1 ? 
B N N 2 ? 
# 
_struct_ref.id                         1 
_struct_ref.db_name                    PDB 
_struct_ref.db_code                    5AWL 
_struct_ref.pdbx_db_accession          5AWL 
_struct_ref.pdbx_db_isoform            ? 
_struct_ref.entity_id                  1 
_struct_ref.pdbx_seq_one_letter_code   ? 
_struct_ref.pdbx_align_begin           1 
# 
_struct_ref_seq.align_id                      1 
_struct_ref_seq.ref_id                        1 
_struct_ref_seq.pdbx_PDB_id_code              5AWL 
_struct_ref_seq.pdbx_strand_id                A 
_struct_ref_seq.seq_align_beg                 1 
_struct_ref_seq.pdbx_seq_align_beg_ins_code   ? 
_struct_ref_seq.seq_align_end                 10 
_struct_ref_seq.pdbx_seq_align_end_ins_code   ? 
_struct_ref_seq.pdbx_db_accession             5AWL 
_struct_ref_seq.db_align_beg                  1 
_struct_ref_seq.pdbx_db_align_beg_ins_code    ? 
_struct_ref_seq.db_align_end                  10 
_struct_ref_seq.pdbx_db_align_end_ins_code    ? 
_struct_ref_seq.pdbx_auth_seq_align_beg       1 
_struct_ref_seq.pdbx_auth_seq_align_end       10 
# 
_pdbx_struct_assembly.id                   1 
_pdbx_struct_assembly.details              author_defined_assembly 
_pdbx_struct_assembly.method_details       ? 
_pdbx_struct_assembly.oligomeric_details   monomeric 
_pdbx_struct_assembly.oligomeric_count     1 
# 
loop_
_pdbx_struct_assembly_prop.biol_id 
_pdbx_struct_assembly_prop.type 
_pdbx_struct_assembly_prop.value 
_pdbx_struct_assembly_prop.details 
1 'ABSA (A^2)' 0    ? 
1 MORE         0    ? 
1 'SSA (A^2)'  1210 ? 
# 
_pdbx_struct_assembly_gen.assembly_id       1 
_pdbx_struct_assembly_gen.oper_expression   1 
_pdbx_struct_assembly_gen.asym_id_list      A,B 
# 
_pdbx_struct_oper_list.id                   1 
_pdbx_struct_oper_list.type                 'identity operation' 
_pdbx_struct_oper_list.name                 1_555 
_pdbx_struct_oper_list.symmetry_operation   x,y,z 
_pdbx_struct_oper_list.matrix[1][1]         1.0000000000 
_pdbx_struct_oper_list.matrix[1][2]         0.0000000000 
_pdbx_struct_oper_list.matrix[1][3]         0.0000000000 
_pdbx_struct_oper_list.vector[1]            0.0000000000 
_pdbx_struct_oper_list.matrix[2][1]         0.0000000000 
_pdbx_struct_oper_list.matrix[2][2]         1.0000000000 
_pdbx_struct_oper_list.matrix[2][3]         0.0000000000 
_pdbx_struct_oper_list.vector[2]            0.0000000000 
_pdbx_struct_oper_list.matrix[3][1]         0.0000000000 
_pdbx_struct_oper_list.matrix[3][2]         0.0000000000 
_pdbx_struct_oper_list.matrix[3][3]         1.0000000000 
_pdbx_struct_oper_list.vector[3]            0.0000000000 
# 
_pdbx_validate_rmsd_angle.id                         1 
_pdbx_validate_rmsd_angle.PDB_model_num              1 
_pdbx_validate_rmsd_angle.auth_atom_id_1             CB 
_pdbx_validate_rmsd_angle.auth_asym_id_1             A 
_pdbx_validate_rmsd_angle.auth_comp_id_1             TYR 
_pdbx_validate_rmsd_angle.auth_seq_id_1              1 
_pdbx_validate_rmsd_angle.PDB_ins_code_1             ? 
_pdbx_validate_rmsd_angle.label_alt_id_1             ? 
_pdbx_validate_rmsd_angle.auth_atom_id_2             CG 
_pdbx_validate_rmsd_angle.auth_asym_id_2             A 
_pdbx_validate_rmsd_angle.auth_comp_id_2             TYR 
_pdbx_validate_rmsd_angle.auth_seq_id_2              1 
_pdbx_validate_rmsd_angle.PDB_ins_code_2             ? 
_pdbx_validate_rmsd_angle.label_alt_id_2             ? 
_pdbx_validate_rmsd_angle.auth_atom_id_3             CD2 
_pdbx_validate_rmsd_angle.auth_asym_id_3             A 
_pdbx_validate_rmsd_angle.auth_comp_id_3             TYR 
_pdbx_validate_rmsd_angle.auth_seq_id_3              1 
_pdbx_validate_rmsd_angle.PDB_ins_code_3             ? 
_pdbx_validate_rmsd_angle.label_alt_id_3             ? 
_pdbx_validate_rmsd_angle.angle_value                117.27 
_pdbx_validate_rmsd_angle.angle_target_value         121.00 
_pdbx_validate_rmsd_angle.angle_deviation            -3.73 
_pdbx_validate_rmsd_angle.angle_standard_deviation   0.60 
_pdbx_validate_rmsd_angle.linker_flag                N 
# 
loop_
_pdbx_struct_special_symmetry.id 
_pdbx_struct_special_symmetry.PDB_model_num 
_pdbx_struct_special_symmetry.auth_asym_id 
_pdbx_struct_special_symmetry.auth_comp_id 
_pdbx_struct_special_symmetry.auth_seq_id 
_pdbx_struct_special_symmetry.PDB_ins_code 
_pdbx_struct_special_symmetry.label_asym_id 
_pdbx_struct_special_symmetry.label_comp_id 
_pdbx_struct_special_symmetry.label_seq_id 
1 1 A HOH 105 ? B HOH . 
2 1 A HOH 112 ? B HOH . 
# 
_pdbx_entry_details.compound_details         ? 
_pdbx_entry_details.entry_id                 5AWL 
_pdbx_entry_details.nonpolymer_details       ? 
_pdbx_entry_details.sequence_details         
'THE SEQUENCE OF THIS PROTEIN WAS NOT AVAILABLE AT THE UNIPROT KNOWLEDGEBASE DATABASE (UNIPROTKB) AT THE TIME OF DEPOSITION.' 
_pdbx_entry_details.source_details           ? 
_pdbx_entry_details.has_ligand_of_interest   ? 
# 
loop_
_chem_comp_atom.comp_id 
_chem_comp_atom.atom_id 
_chem_comp_atom.type_symbol 
_chem_comp_atom.pdbx_aromatic_flag 
_chem_comp_atom.pdbx_stereo_config 
_chem_comp_atom.pdbx_ordinal 
ASP N    N N N 1   
ASP CA   C N S 2   
ASP C    C N N 3   
ASP O    O N N 4   
ASP CB   C N N 5   
ASP CG   C N N 6   
ASP OD1  O N N 7   
ASP OD2  O N N 8   
ASP OXT  O N N 9   
ASP H    H N N 10  
ASP H2   H N N 11  
ASP HA   H N N 12  
ASP HB2  H N N 13  
ASP HB3  H N N 14  
ASP HD2  H N N 15  
ASP HXT  H N N 16  
GLU N    N N N 17  
GLU CA   C N S 18  
GLU C    C N N 19  
GLU O    O N N 20  
GLU CB   C N N 21  
GLU CG   C N N 22  
GLU CD   C N N 23  
GLU OE1  O N N 24  
GLU OE2  O N N 25  
GLU OXT  O N N 26  
GLU H    H N N 27  
GLU H2   H N N 28  
GLU HA   H N N 29  
GLU HB2  H N N 30  
GLU HB3  H N N 31  
GLU HG2  H N N 32  
GLU HG3  H N N 33  
GLU HE2  H N N 34  
GLU HXT  H N N 35  
GLY N    N N N 36  
GLY CA   C N N 37  
GLY C    C N N 38  
GLY O    O N N 39  
GLY OXT  O N N 40  
GLY H    H N N 41  
GLY H2   H N N 42  
GLY HA2  H N N 43  
GLY HA3  H N N 44  
GLY HXT  H N N 45  
HOH O    O N N 46  
HOH H1   H N N 47  
HOH H2   H N N 48  
PRO N    N N N 49  
PRO CA   C N S 50  
PRO C    C N N 51  
PRO O    O N N 52  
PRO CB   C N N 53  
PRO CG   C N N 54  
PRO CD   C N N 55  
PRO OXT  O N N 56  
PRO H    H N N 57  
PRO HA   H N N 58  
PRO HB2  H N N 59  
PRO HB3  H N N 60  
PRO HG2  H N N 61  
PRO HG3  H N N 62  
PRO HD2  H N N 63  
PRO HD3  H N N 64  
PRO HXT  H N N 65  
THR N    N N N 66  
THR CA   C N S 67  
THR C    C N N 68  
THR O    O N N 69  
THR CB   C N R 70  
THR OG1  O N N 71  
THR CG2  C N N 72  
THR OXT  O N N 73  
THR H    H N N 74  
THR H2   H N N 75  
THR HA   H N N 76  
THR HB   H N N 77  
THR HG1  H N N 78  
THR HG21 H N N 79  
THR HG22 H N N 80  
THR HG23 H N N 81  
THR HXT  H N N 82  
TRP N    N N N 83  
TRP CA   C N S 84  
TRP C    C N N 85  
TRP O    O N N 86  
TRP CB   C N N 87  
TRP CG   C Y N 88  
TRP CD1  C Y N 89  
TRP CD2  C Y N 90  
TRP NE1  N Y N 91  
TRP CE2  C Y N 92  
TRP CE3  C Y N 93  
TRP CZ2  C Y N 94  
TRP CZ3  C Y N 95  
TRP CH2  C Y N 96  
TRP OXT  O N N 97  
TRP H    H N N 98  
TRP H2   H N N 99  
TRP HA   H N N 100 
TRP HB2  H N N 101 
TRP HB3  H N N 102 
TRP HD1  H N N 103 
TRP HE1  H N N 104 
TRP HE3  H N N 105 
TRP HZ2  H N N 106 
TRP HZ3  H N N 107 
TRP HH2  H N N 108 
TRP HXT  H N N 109 
TYR N    N N N 110 
TYR CA   C N S 111 
TYR C    C N N 112 
TYR O    O N N 113 
TYR CB   C N N 114 
TYR CG   C Y N 115 
TYR CD1  C Y N 116 
TYR CD2  C Y N 117 
TYR CE1  C Y N 118 
TYR CE2  C Y N 119 
TYR CZ   C Y N 120 
TYR OH   O N N 121 
TYR OXT  O N N 122 
TYR H    H N N 123 
TYR H2   H N N 124 
TYR HA   H N N 125 
TYR HB2  H N N 126 
TYR HB3  H N N 127 
TYR HD1  H N N 128 
TYR HD2  H N N 129 
TYR HE1  H N N 130 
TYR HE2  H N N 131 
TYR HH   H N N 132 
TYR HXT  H N N 133 
# 
loop_
_chem_comp_bond.comp_id 
_chem_comp_bond.atom_id_1 
_chem_comp_bond.atom_id_2 
_chem_comp_bond.value_order 
_chem_comp_bond.pdbx_aromatic_flag 
_chem_comp_bond.pdbx_stereo_config 
_chem_comp_bond.pdbx_ordinal 
ASP N   CA   sing N N 1   
ASP N   H    sing N N 2   
ASP N   H2   sing N N 3   
ASP CA  C    sing N N 4   
ASP CA  CB   sing N N 5   
ASP CA  HA   sing N N 6   
ASP C   O    doub N N 7   
ASP C   OXT  sing N N 8   
ASP CB  CG   sing N N 9   
ASP CB  HB2  sing N N 10  
ASP CB  HB3  sing N N 11  
ASP CG  OD1  doub N N 12  
ASP CG  OD2  sing N N 13  
ASP OD2 HD2  sing N N 14  
ASP OXT HXT  sing N N 15  
GLU N   CA   sing N N 16  
GLU N   H    sing N N 17  
GLU N   H2   sing N N 18  
GLU CA  C    sing N N 19  
GLU CA  CB   sing N N 20  
GLU CA  HA   sing N N 21  
GLU C   O    doub N N 22  
GLU C   OXT  sing N N 23  
GLU CB  CG   sing N N 24  
GLU CB  HB2  sing N N 25  
GLU CB  HB3  sing N N 26  
GLU CG  CD   sing N N 27  
GLU CG  HG2  sing N N 28  
GLU CG  HG3  sing N N 29  
GLU CD  OE1  doub N N 30  
GLU CD  OE2  sing N N 31  
GLU OE2 HE2  sing N N 32  
GLU OXT HXT  sing N N 33  
GLY N   CA   sing N N 34  
GLY N   H    sing N N 35  
GLY N   H2   sing N N 36  
GLY CA  C    sing N N 37  
GLY CA  HA2  sing N N 38  
GLY CA  HA3  sing N N 39  
GLY C   O    doub N N 40  
GLY C   OXT  sing N N 41  
GLY OXT HXT  sing N N 42  
HOH O   H1   sing N N 43  
HOH O   H2   sing N N 44  
PRO N   CA   sing N N 45  
PRO N   CD   sing N N 46  
PRO N   H    sing N N 47  
PRO CA  C    sing N N 48  
PRO CA  CB   sing N N 49  
PRO CA  HA   sing N N 50  
PRO C   O    doub N N 51  
PRO C   OXT  sing N N 52  
PRO CB  CG   sing N N 53  
PRO CB  HB2  sing N N 54  
PRO CB  HB3  sing N N 55  
PRO CG  CD   sing N N 56  
PRO CG  HG2  sing N N 57  
PRO CG  HG3  sing N N 58  
PRO CD  HD2  sing N N 59  
PRO CD  HD3  sing N N 60  
PRO OXT HXT  sing N N 61  
THR N   CA   sing N N 62  
THR N   H    sing N N 63  
THR N   H2   sing N N 64  
THR CA  C    sing N N 65  
THR CA  CB   sing N N 66  
THR CA  HA   sing N N 67  
THR C   O    doub N N 68  
THR C   OXT  sing N N 69  
THR CB  OG1  sing N N 70  
THR CB  CG2  sing N N 71  
THR CB  HB   sing N N 72  
THR OG1 HG1  sing N N 73  
THR CG2 HG21 sing N N 74  
THR CG2 HG22 sing N N 75  
THR CG2 HG23 sing N N 76  
THR OXT HXT  sing N N 77  
TRP N   CA   sing N N 78  
TRP N   H    sing N N 79  
TRP N   H2   sing N N 80  
TRP CA  C    sing N N 81  
TRP CA  CB   sing N N 82  
TRP CA  HA   sing N N 83  
TRP C   O    doub N N 84  
TRP C   OXT  sing N N 85  
TRP CB  CG   sing N N 86  
TRP CB  HB2  sing N N 87  
TRP CB  HB3  sing N N 88  
TRP CG  CD1  doub Y N 89  
TRP CG  CD2  sing Y N 90  
TRP CD1 NE1  sing Y N 91  
TRP CD1 HD1  sing N N 92  
TRP CD2 CE2  doub Y N 93  
TRP CD2 CE3  sing Y N 94  
TRP NE1 CE2  sing Y N 95  
TRP NE1 HE1  sing N N 96  
TRP CE2 CZ2  sing Y N 97  
TRP CE3 CZ3  doub Y N 98  
TRP CE3 HE3  sing N N 99  
TRP CZ2 CH2  doub Y N 100 
TRP CZ2 HZ2  sing N N 101 
TRP CZ3 CH2  sing Y N 102 
TRP CZ3 HZ3  sing N N 103 
TRP CH2 HH2  sing N N 104 
TRP OXT HXT  sing N N 105 
TYR N   CA   sing N N 106 
TYR N   H    sing N N 107 
TYR N   H2   sing N N 108 
TYR CA  C    sing N N 109 
TYR CA  CB   sing N N 110 
TYR CA  HA   sing N N 111 
TYR C   O    doub N N 112 
TYR C   OXT  sing N N 113 
TYR CB  CG   sing N N 114 
TYR CB  HB2  sing N N 115 
TYR CB  HB3  sing N N 116 
TYR CG  CD1  doub Y N 117 
TYR CG  CD2  sing Y N 118 
TYR CD1 CE1  sing Y N 119 
TYR CD1 HD1  sing N N 120 
TYR CD2 CE2  doub Y N 121 
TYR CD2 HD2  sing N N 122 
TYR CE1 CZ   doub Y N 123 
TYR CE1 HE1  sing N N 124 
TYR CE2 CZ   sing Y N 125 
TYR CE2 HE2  sing N N 126 
TYR CZ  OH   sing N N 127 
TYR OH  HH   sing N N 128 
TYR OXT HXT  sing N N 129 
# 
_pdbx_audit_support.funding_organization   'New Energy and Industrial Technology Development Organization (NEDO)' 
_pdbx_audit_support.country                Japan 
_pdbx_audit_support.grant_number           ? 
_pdbx_audit_support.ordinal                1 
# 
_atom_sites.entry_id                    5AWL 
_atom_sites.fract_transf_matrix[1][1]   -0.04730465 
_atom_sites.fract_transf_matrix[1][2]   0.00288177 
_atom_sites.fract_transf_matrix[1][3]   -0.02130032 
_atom_sites.fract_transf_matrix[2][1]   -0.01211240 
_atom_sites.fract_transf_matrix[2][2]   0.00173095 
_atom_sites.fract_transf_matrix[2][3]   0.02713391 
_atom_sites.fract_transf_matrix[3][1]   0.00644100 
_atom_sites.fract_transf_matrix[3][2]   0.08629301 
_atom_sites.fract_transf_matrix[3][3]   -0.00262965 
_atom_sites.fract_transf_vector[1]      0.992786 
_atom_sites.fract_transf_vector[2]      0.615868 
_atom_sites.fract_transf_vector[3]      0.736840 
# 
loop_
_atom_type.symbol 
C 
N 
O 
# 
loop_
_atom_site.group_PDB 
_atom_site.id 
_atom_site.type_symbol 
_atom_site.label_atom_id 
_atom_site.label_alt_id 
_atom_site.label_comp_id 
_atom_site.label_asym_id 
_atom_site.label_entity_id 
_atom_site.label_seq_id 
_atom_site.pdbx_PDB_ins_code 
_atom_site.Cartn_x 
_atom_site.Cartn_y 
_atom_site.Cartn_z 
_atom_site.occupancy 
_atom_site.B_iso_or_equiv 
_atom_site.pdbx_formal_charge 
_atom_site.auth_seq_id 
_atom_site.auth_comp_id 
_atom_site.auth_asym_id 
_atom_site.auth_atom_id 
_atom_site.pdbx_PDB_model_num 
ATOM   1   N N   . TYR A 1 1  ? -6.386  2.151  -1.913 1.00 8.64  ? 1   TYR A N   1 
ATOM   2   C CA  . TYR A 1 1  ? -5.122  2.576  -2.493 1.00 7.05  ? 1   TYR A CA  1 
ATOM   3   C C   . TYR A 1 1  ? -4.054  1.585  -2.057 1.00 5.69  ? 1   TYR A C   1 
ATOM   4   O O   . TYR A 1 1  ? -4.212  1.066  -0.949 1.00 6.82  ? 1   TYR A O   1 
ATOM   5   C CB  . TYR A 1 1  ? -4.707  3.959  -1.983 1.00 10.53 ? 1   TYR A CB  1 
ATOM   6   C CG  . TYR A 1 1  ? -5.844  4.949  -2.008 1.00 12.94 ? 1   TYR A CG  1 
ATOM   7   C CD1 . TYR A 1 1  ? -6.652  5.248  -0.914 1.00 15.47 ? 1   TYR A CD1 1 
ATOM   8   C CD2 . TYR A 1 1  ? -6.100  5.599  -3.219 1.00 15.46 ? 1   TYR A CD2 1 
ATOM   9   C CE1 . TYR A 1 1  ? -7.687  6.185  -1.028 1.00 18.04 ? 1   TYR A CE1 1 
ATOM   10  C CE2 . TYR A 1 1  ? -7.104  6.512  -3.389 1.00 17.34 ? 1   TYR A CE2 1 
ATOM   11  C CZ  . TYR A 1 1  ? -7.874  6.780  -2.258 1.00 16.51 ? 1   TYR A CZ  1 
ATOM   12  O OH  . TYR A 1 1  ? -8.945  7.689  -2.368 1.00 23.32 ? 1   TYR A OH  1 
ATOM   13  N N   . TYR A 1 2  ? -3.004  1.335  -2.810 1.00 5.68  ? 2   TYR A N   1 
ATOM   14  C CA  . TYR A 1 2  ? -1.882  0.577  -2.314 1.00 4.77  ? 2   TYR A CA  1 
ATOM   15  C C   . TYR A 1 2  ? -0.831  1.523  -1.754 1.00 4.55  ? 2   TYR A C   1 
ATOM   16  O O   . TYR A 1 2  ? -0.523  2.553  -2.298 1.00 6.56  ? 2   TYR A O   1 
ATOM   17  C CB  . TYR A 1 2  ? -1.287  -0.311 -3.382 1.00 5.98  ? 2   TYR A CB  1 
ATOM   18  C CG  . TYR A 1 2  ? -2.136  -1.443 -3.857 1.00 5.31  ? 2   TYR A CG  1 
ATOM   19  C CD1 . TYR A 1 2  ? -2.860  -1.361 -5.032 1.00 6.77  ? 2   TYR A CD1 1 
ATOM   20  C CD2 . TYR A 1 2  ? -2.212  -2.635 -3.161 1.00 6.83  ? 2   TYR A CD2 1 
ATOM   21  C CE1 . TYR A 1 2  ? -3.629  -2.424 -5.472 1.00 8.06  ? 2   TYR A CE1 1 
ATOM   22  C CE2 . TYR A 1 2  ? -2.958  -3.704 -3.623 1.00 8.18  ? 2   TYR A CE2 1 
ATOM   23  C CZ  . TYR A 1 2  ? -3.702  -3.614 -4.761 1.00 8.72  ? 2   TYR A CZ  1 
ATOM   24  O OH  . TYR A 1 2  ? -4.397  -4.692 -5.188 1.00 13.52 ? 2   TYR A OH  1 
ATOM   25  N N   . ASP A 1 3  ? -0.268  1.120  -0.614 1.00 5.27  ? 3   ASP A N   1 
ATOM   26  C CA  . ASP A 1 3  ? 0.778   1.871  0.061  1.00 5.27  ? 3   ASP A CA  1 
ATOM   27  C C   . ASP A 1 3  ? 2.127   1.714  -0.654 1.00 4.73  ? 3   ASP A C   1 
ATOM   28  O O   . ASP A 1 3  ? 2.478   0.587  -1.001 1.00 5.80  ? 3   ASP A O   1 
ATOM   29  C CB  . ASP A 1 3  ? 0.870   1.378  1.493  1.00 6.15  ? 3   ASP A CB  1 
ATOM   30  C CG  . ASP A 1 3  ? 1.825   2.154  2.326  1.00 6.26  ? 3   ASP A CG  1 
ATOM   31  O OD1 . ASP A 1 3  ? 3.041   1.987  2.240  1.00 7.43  ? 3   ASP A OD1 1 
ATOM   32  O OD2 . ASP A 1 3  ? 1.255   3.012  3.117  1.00 8.48  ? 3   ASP A OD2 1 
ATOM   33  N N   . PRO A 1 4  ? 2.852   2.785  -0.881 1.00 5.29  ? 4   PRO A N   1 
ATOM   34  C CA  . PRO A 1 4  ? 4.084   2.680  -1.673 1.00 5.94  ? 4   PRO A CA  1 
ATOM   35  C C   . PRO A 1 4  ? 5.234   1.983  -0.975 1.00 6.30  ? 4   PRO A C   1 
ATOM   36  O O   . PRO A 1 4  ? 6.168   1.562  -1.663 1.00 8.02  ? 4   PRO A O   1 
ATOM   37  C CB  . PRO A 1 4  ? 4.446   4.158  -1.979 1.00 9.97  ? 4   PRO A CB  1 
ATOM   38  C CG  . PRO A 1 4  ? 3.825   4.880  -0.855 1.00 12.06 ? 4   PRO A CG  1 
ATOM   39  C CD  . PRO A 1 4  ? 2.545   4.186  -0.539 1.00 7.32  ? 4   PRO A CD  1 
ATOM   40  N N   . GLU A 1 5  ? 5.202   1.920  0.358  1.00 6.60  ? 5   GLU A N   1 
ATOM   41  C CA  . GLU A 1 5  ? 6.221   1.277  1.157  1.00 7.65  ? 5   GLU A CA  1 
ATOM   42  C C   . GLU A 1 5  ? 5.904   -0.171 1.441  1.00 7.27  ? 5   GLU A C   1 
ATOM   43  O O   . GLU A 1 5  ? 6.821   -1.026 1.420  1.00 10.19 ? 5   GLU A O   1 
ATOM   44  C CB  . GLU A 1 5  ? 6.502   2.051  2.476  1.00 9.50  ? 5   GLU A CB  1 
ATOM   45  C CG  . GLU A 1 5  ? 7.360   3.263  2.299  1.00 18.27 ? 5   GLU A CG  1 
ATOM   46  C CD  . GLU A 1 5  ? 8.796   3.069  1.889  1.00 19.12 ? 5   GLU A CD  1 
ATOM   47  O OE1 . GLU A 1 5  ? 9.387   3.968  1.228  1.00 30.90 ? 5   GLU A OE1 1 
ATOM   48  O OE2 . GLU A 1 5  ? 9.376   2.034  2.274  1.00 28.34 ? 5   GLU A OE2 1 
ATOM   49  N N   . THR A 1 6  ? 4.649   -0.492 1.734  1.00 7.56  ? 6   THR A N   1 
ATOM   50  C CA  . THR A 1 6  ? 4.304   -1.831 2.164  1.00 8.29  ? 6   THR A CA  1 
ATOM   51  C C   . THR A 1 6  ? 3.582   -2.618 1.087  1.00 6.59  ? 6   THR A C   1 
ATOM   52  O O   . THR A 1 6  ? 3.479   -3.846 1.186  1.00 8.09  ? 6   THR A O   1 
ATOM   53  C CB  . THR A 1 6  ? 3.408   -1.844 3.393  1.00 10.65 ? 6   THR A CB  1 
ATOM   54  O OG1 . THR A 1 6  ? 2.174   -1.216 3.070  1.00 11.20 ? 6   THR A OG1 1 
ATOM   55  C CG2 . THR A 1 6  ? 4.005   -1.048 4.554  1.00 16.54 ? 6   THR A CG2 1 
ATOM   56  N N   . GLY A 1 7  ? 3.033   -1.991 0.048  1.00 6.30  ? 7   GLY A N   1 
ATOM   57  C CA  . GLY A 1 7  ? 2.321   -2.684 -1.003 1.00 5.88  ? 7   GLY A CA  1 
ATOM   58  C C   . GLY A 1 7  ? 1.000   -3.253 -0.591 1.00 6.51  ? 7   GLY A C   1 
ATOM   59  O O   . GLY A 1 7  ? 0.437   -4.090 -1.299 1.00 9.78  ? 7   GLY A O   1 
ATOM   60  N N   . THR A 1 8  ? 0.423   -2.842 0.494  1.00 5.98  ? 8   THR A N   1 
ATOM   61  C CA  . THR A 1 8  ? -0.810  -3.306 1.022  1.00 5.66  ? 8   THR A CA  1 
ATOM   62  C C   . THR A 1 8  ? -1.919  -2.279 0.753  1.00 5.15  ? 8   THR A C   1 
ATOM   63  O O   . THR A 1 8  ? -1.671  -1.059 0.617  1.00 6.36  ? 8   THR A O   1 
ATOM   64  C CB  . THR A 1 8  ? -0.744  -3.629 2.512  1.00 9.09  ? 8   THR A CB  1 
ATOM   65  O OG1 . THR A 1 8  ? -0.283  -2.478 3.225  1.00 10.05 ? 8   THR A OG1 1 
ATOM   66  C CG2 . THR A 1 8  ? 0.219   -4.772 2.794  1.00 11.85 ? 8   THR A CG2 1 
ATOM   67  N N   . TRP A 1 9  ? -3.120  -2.750 0.677  1.00 5.75  ? 9   TRP A N   1 
ATOM   68  C CA  . TRP A 1 9  ? -4.306  -1.944 0.384  1.00 4.78  ? 9   TRP A CA  1 
ATOM   69  C C   . TRP A 1 9  ? -4.752  -1.242 1.654  1.00 4.96  ? 9   TRP A C   1 
ATOM   70  O O   . TRP A 1 9  ? -4.865  -1.888 2.710  1.00 7.83  ? 9   TRP A O   1 
ATOM   71  C CB  . TRP A 1 9  ? -5.402  -2.815 -0.133 1.00 6.90  ? 9   TRP A CB  1 
ATOM   72  C CG  . TRP A 1 9  ? -6.633  -2.073 -0.576 1.00 6.58  ? 9   TRP A CG  1 
ATOM   73  C CD1 . TRP A 1 9  ? -7.764  -1.876 0.116  1.00 9.48  ? 9   TRP A CD1 1 
ATOM   74  C CD2 . TRP A 1 9  ? -6.803  -1.425 -1.838 1.00 6.96  ? 9   TRP A CD2 1 
ATOM   75  N NE1 . TRP A 1 9  ? -8.653  -1.140 -0.631 1.00 10.18 ? 9   TRP A NE1 1 
ATOM   76  C CE2 . TRP A 1 9  ? -8.085  -0.869 -1.849 1.00 7.80  ? 9   TRP A CE2 1 
ATOM   77  C CE3 . TRP A 1 9  ? -6.025  -1.264 -2.986 1.00 8.84  ? 9   TRP A CE3 1 
ATOM   78  C CZ2 . TRP A 1 9  ? -8.590  -0.181 -2.944 1.00 10.37 ? 9   TRP A CZ2 1 
ATOM   79  C CZ3 . TRP A 1 9  ? -6.514  -0.580 -4.075 1.00 10.97 ? 9   TRP A CZ3 1 
ATOM   80  C CH2 . TRP A 1 9  ? -7.800  -0.028 -4.045 1.00 10.75 ? 9   TRP A CH2 1 
ATOM   81  N N   . TYR A 1 10 ? -5.043  0.051  1.582  1.00 5.32  ? 10  TYR A N   1 
ATOM   82  C CA  . TYR A 1 10 ? -5.590  0.783  2.694  1.00 5.77  ? 10  TYR A CA  1 
ATOM   83  C C   . TYR A 1 10 ? -6.715  1.709  2.267  1.00 6.26  ? 10  TYR A C   1 
ATOM   84  O O   . TYR A 1 10 ? -7.337  2.210  3.230  1.00 7.80  ? 10  TYR A O   1 
ATOM   85  C CB  . TYR A 1 10 ? -4.484  1.568  3.451  1.00 6.56  ? 10  TYR A CB  1 
ATOM   86  C CG  . TYR A 1 10 ? -3.934  2.692  2.645  1.00 5.72  ? 10  TYR A CG  1 
ATOM   87  C CD1 . TYR A 1 10 ? -4.386  4.011  2.741  1.00 8.96  ? 10  TYR A CD1 1 
ATOM   88  C CD2 . TYR A 1 10 ? -2.922  2.482  1.713  1.00 6.13  ? 10  TYR A CD2 1 
ATOM   89  C CE1 . TYR A 1 10 ? -3.884  5.037  1.997  1.00 9.28  ? 10  TYR A CE1 1 
ATOM   90  C CE2 . TYR A 1 10 ? -2.422  3.513  0.950  1.00 6.42  ? 10  TYR A CE2 1 
ATOM   91  C CZ  . TYR A 1 10 ? -2.889  4.802  1.074  1.00 6.27  ? 10  TYR A CZ  1 
ATOM   92  O OH  . TYR A 1 10 ? -2.421  5.826  0.329  1.00 8.82  ? 10  TYR A OH  1 
ATOM   93  O OXT . TYR A 1 10 ? -6.925  1.926  1.060  1.00 6.99  ? 10  TYR A OXT 1 
HETATM 94  O O   . HOH B 2 .  ? 11.660  1.622  1.874  1.00 33.46 ? 101 HOH A O   1 
HETATM 95  O O   . HOH B 2 .  ? -9.907  8.295  -4.734 1.00 34.87 ? 102 HOH A O   1 
HETATM 96  O O   . HOH B 2 .  ? -0.798  5.252  -1.687 1.00 10.24 ? 103 HOH A O   1 
HETATM 97  O O   . HOH B 2 .  ? -2.656  -1.731 4.204  1.00 25.64 ? 104 HOH A O   1 
HETATM 98  O O   . HOH B 2 .  ? 1.058   -5.576 -3.443 0.50 21.96 ? 105 HOH A O   1 
HETATM 99  O O   . HOH B 2 .  ? 4.147   -5.827 2.992  1.00 14.09 ? 106 HOH A O   1 
HETATM 100 O O   . HOH B 2 .  ? -5.565  -4.501 -7.689 1.00 33.07 ? 107 HOH A O   1 
HETATM 101 O O   . HOH B 2 .  ? -8.892  3.384  -2.422 1.00 18.18 ? 108 HOH A O   1 
HETATM 102 O O   . HOH B 2 .  ? -11.448 -0.048 -0.839 1.00 68.49 ? 109 HOH A O   1 
HETATM 103 O O   . HOH B 2 .  ? -1.000  4.428  4.640  1.00 17.73 ? 110 HOH A O   1 
HETATM 104 O O   . HOH B 2 .  ? 10.984  -0.873 0.393  0.50 24.45 ? 111 HOH A O   1 
HETATM 105 O O   . HOH B 2 .  ? 10.025  -3.347 0.418  0.50 64.33 ? 112 HOH A O   1 
# 
loop_
_atom_site_anisotrop.id 
_atom_site_anisotrop.type_symbol 
_atom_site_anisotrop.pdbx_label_atom_id 
_atom_site_anisotrop.pdbx_label_alt_id 
_atom_site_anisotrop.pdbx_label_comp_id 
_atom_site_anisotrop.pdbx_label_asym_id 
_atom_site_anisotrop.pdbx_label_seq_id 
_atom_site_anisotrop.pdbx_PDB_ins_code 
_atom_site_anisotrop.U[1][1] 
_atom_site_anisotrop.U[2][2] 
_atom_site_anisotrop.U[3][3] 
_atom_site_anisotrop.U[1][2] 
_atom_site_anisotrop.U[1][3] 
_atom_site_anisotrop.U[2][3] 
_atom_site_anisotrop.pdbx_auth_seq_id 
_atom_site_anisotrop.pdbx_auth_comp_id 
_atom_site_anisotrop.pdbx_auth_asym_id 
_atom_site_anisotrop.pdbx_auth_atom_id 
1   N N   . TYR A 1  ? 0.0807 0.0970 0.1505 0.0163  0.0173  -0.0117 1   TYR A N   
2   C CA  . TYR A 1  ? 0.0792 0.0840 0.1049 0.0106  0.0074  0.0126  1   TYR A CA  
3   C C   . TYR A 1  ? 0.0713 0.0862 0.0587 0.0088  -0.0041 0.0046  1   TYR A C   
4   O O   . TYR A 1  ? 0.0971 0.0926 0.0693 0.0178  0.0262  0.0126  1   TYR A O   
5   C CB  . TYR A 1  ? 0.1084 0.0825 0.2091 0.0053  -0.0264 0.0008  1   TYR A CB  
6   C CG  . TYR A 1  ? 0.1248 0.0925 0.2747 0.0150  -0.0481 -0.0157 1   TYR A CG  
7   C CD1 . TYR A 1  ? 0.1672 0.1332 0.2874 0.0500  -0.0394 -0.0650 1   TYR A CD1 
8   C CD2 . TYR A 1  ? 0.1479 0.1361 0.3032 0.0449  -0.0543 0.0202  1   TYR A CD2 
9   C CE1 . TYR A 1  ? 0.1454 0.2064 0.3337 0.0672  -0.0674 -0.0520 1   TYR A CE1 
10  C CE2 . TYR A 1  ? 0.1943 0.1472 0.3174 0.0818  -0.0898 -0.0446 1   TYR A CE2 
11  C CZ  . TYR A 1  ? 0.1786 0.1163 0.3325 0.0590  -0.0928 -0.0911 1   TYR A CZ  
12  O OH  . TYR A 1  ? 0.2573 0.2992 0.3296 0.1762  -0.0426 -0.0235 1   TYR A OH  
13  N N   . TYR A 2  ? 0.0566 0.1064 0.0528 -0.0003 -0.0015 0.0156  2   TYR A N   
14  C CA  . TYR A 2  ? 0.0572 0.0856 0.0383 -0.0062 0.0008  0.0045  2   TYR A CA  
15  C C   . TYR A 2  ? 0.0489 0.0740 0.0501 0.0003  0.0021  0.0023  2   TYR A C   
16  O O   . TYR A 2  ? 0.0873 0.0867 0.0754 -0.0196 -0.0159 0.0233  2   TYR A O   
17  C CB  . TYR A 2  ? 0.0607 0.1064 0.0603 -0.0132 0.0083  -0.0107 2   TYR A CB  
18  C CG  . TYR A 2  ? 0.0571 0.0834 0.0613 -0.0032 0.0138  -0.0078 2   TYR A CG  
19  C CD1 . TYR A 2  ? 0.0967 0.1019 0.0587 -0.0174 0.0029  -0.0108 2   TYR A CD1 
20  C CD2 . TYR A 2  ? 0.0949 0.0873 0.0773 0.0059  0.0146  -0.0047 2   TYR A CD2 
21  C CE1 . TYR A 2  ? 0.0895 0.1355 0.0812 -0.0157 -0.0088 -0.0160 2   TYR A CE1 
22  C CE2 . TYR A 2  ? 0.1391 0.0720 0.0998 -0.0120 0.0309  0.0057  2   TYR A CE2 
23  C CZ  . TYR A 2  ? 0.1089 0.1102 0.1123 -0.0384 0.0301  -0.0292 2   TYR A CZ  
24  O OH  . TYR A 2  ? 0.1493 0.1303 0.2340 -0.0382 -0.0092 -0.0587 2   TYR A OH  
25  N N   . ASP A 3  ? 0.0678 0.0750 0.0573 -0.0009 -0.0101 -0.0001 3   ASP A N   
26  C CA  . ASP A 3  ? 0.0825 0.0613 0.0564 -0.0082 -0.0086 -0.0094 3   ASP A CA  
27  C C   . ASP A 3  ? 0.0719 0.0563 0.0518 -0.0029 -0.0229 -0.0008 3   ASP A C   
28  O O   . ASP A 3  ? 0.0887 0.0560 0.0758 -0.0010 0.0036  -0.0047 3   ASP A O   
29  C CB  . ASP A 3  ? 0.0907 0.0942 0.0488 -0.0012 -0.0072 -0.0159 3   ASP A CB  
30  C CG  . ASP A 3  ? 0.0893 0.0883 0.0603 -0.0014 -0.0057 -0.0090 3   ASP A CG  
31  O OD1 . ASP A 3  ? 0.0795 0.1231 0.0797 -0.0069 0.0047  -0.0351 3   ASP A OD1 
32  O OD2 . ASP A 3  ? 0.1160 0.1223 0.0838 0.0266  -0.0137 -0.0454 3   ASP A OD2 
33  N N   . PRO A 4  ? 0.0776 0.0575 0.0658 -0.0041 -0.0017 -0.0043 4   PRO A N   
34  C CA  . PRO A 4  ? 0.0907 0.0772 0.0576 -0.0064 0.0066  -0.0070 4   PRO A CA  
35  C C   . PRO A 4  ? 0.0636 0.1054 0.0705 -0.0150 0.0036  -0.0031 4   PRO A C   
36  O O   . PRO A 4  ? 0.0724 0.1501 0.0823 -0.0068 0.0156  -0.0163 4   PRO A O   
37  C CB  . PRO A 4  ? 0.1384 0.0794 0.1612 -0.0217 0.0615  0.0130  4   PRO A CB  
38  C CG  . PRO A 4  ? 0.1636 0.0774 0.2171 -0.0393 0.0813  -0.0212 4   PRO A CG  
39  C CD  . PRO A 4  ? 0.0980 0.0503 0.1298 -0.0044 0.0191  -0.0123 4   PRO A CD  
40  N N   . GLU A 5  ? 0.0885 0.0975 0.0649 0.0034  -0.0024 -0.0117 5   GLU A N   
41  C CA  . GLU A 5  ? 0.0849 0.1313 0.0746 -0.0121 -0.0248 -0.0053 5   GLU A CA  
42  C C   . GLU A 5  ? 0.0742 0.1232 0.0789 0.0124  -0.0209 -0.0055 5   GLU A C   
43  O O   . GLU A 5  ? 0.1005 0.1488 0.1378 0.0371  -0.0186 -0.0093 5   GLU A O   
44  C CB  . GLU A 5  ? 0.1271 0.1508 0.0829 0.0195  -0.0217 -0.0306 5   GLU A CB  
45  C CG  . GLU A 5  ? 0.1814 0.1877 0.3253 -0.0392 -0.0651 -0.0937 5   GLU A CG  
46  C CD  . GLU A 5  ? 0.1580 0.1797 0.3886 -0.0542 -0.0535 -0.0289 5   GLU A CD  
47  O OE1 . GLU A 5  ? 0.3455 0.2501 0.5786 -0.0540 0.0983  0.0418  5   GLU A OE1 
48  O OE2 . GLU A 5  ? 0.2514 0.2229 0.6026 0.0221  -0.0161 0.0270  5   GLU A OE2 
49  N N   . THR A 6  ? 0.0857 0.0951 0.1064 0.0112  -0.0152 0.0095  6   THR A N   
50  C CA  . THR A 6  ? 0.1134 0.0974 0.1041 0.0108  -0.0067 0.0143  6   THR A CA  
51  C C   . THR A 6  ? 0.0833 0.0754 0.0919 0.0198  0.0013  0.0212  6   THR A C   
52  O O   . THR A 6  ? 0.1181 0.0797 0.1097 0.0236  -0.0012 0.0165  6   THR A O   
53  C CB  . THR A 6  ? 0.2181 0.1014 0.0850 0.0017  0.0141  0.0110  6   THR A CB  
54  O OG1 . THR A 6  ? 0.1952 0.1001 0.1301 0.0137  0.0747  -0.0068 6   THR A OG1 
55  C CG2 . THR A 6  ? 0.3944 0.1541 0.0801 -0.0735 -0.0191 0.0138  6   THR A CG2 
56  N N   . GLY A 7  ? 0.0783 0.0835 0.0778 0.0006  0.0178  0.0173  7   GLY A N   
57  C CA  . GLY A 7  ? 0.0616 0.0864 0.0755 0.0131  0.0212  0.0114  7   GLY A CA  
58  C C   . GLY A 7  ? 0.0814 0.0960 0.0700 -0.0053 0.0334  0.0057  7   GLY A C   
59  O O   . GLY A 7  ? 0.0983 0.1796 0.0939 -0.0403 0.0184  -0.0216 7   GLY A O   
60  N N   . THR A 8  ? 0.0626 0.0738 0.0907 0.0055  0.0273  0.0072  8   THR A N   
61  C CA  . THR A 8  ? 0.0536 0.0809 0.0808 0.0169  0.0239  0.0070  8   THR A CA  
62  C C   . THR A 8  ? 0.0605 0.0582 0.0771 0.0081  0.0296  0.0083  8   THR A C   
63  O O   . THR A 8  ? 0.0789 0.0646 0.0980 0.0003  0.0009  0.0202  8   THR A O   
64  C CB  . THR A 8  ? 0.1224 0.1251 0.0977 0.0460  0.0373  0.0390  8   THR A CB  
65  O OG1 . THR A 8  ? 0.1337 0.1768 0.0714 0.0470  -0.0018 0.0195  8   THR A OG1 
66  C CG2 . THR A 8  ? 0.1086 0.1601 0.1815 0.0513  0.0211  0.0847  8   THR A CG2 
67  N N   . TRP A 9  ? 0.0580 0.0549 0.1055 0.0105  0.0241  0.0132  9   TRP A N   
68  C CA  . TRP A 9  ? 0.0636 0.0557 0.0624 -0.0005 0.0119  -0.0001 9   TRP A CA  
69  C C   . TRP A 9  ? 0.0553 0.0641 0.0691 -0.0012 0.0223  0.0074  9   TRP A C   
70  O O   . TRP A 9  ? 0.1371 0.0854 0.0750 0.0272  0.0359  0.0199  9   TRP A O   
71  C CB  . TRP A 9  ? 0.0730 0.0887 0.1003 -0.0061 -0.0008 -0.0104 9   TRP A CB  
72  C CG  . TRP A 9  ? 0.0618 0.0941 0.0941 -0.0114 0.0011  -0.0070 9   TRP A CG  
73  C CD1 . TRP A 9  ? 0.0665 0.1680 0.1258 -0.0032 0.0146  0.0154  9   TRP A CD1 
74  C CD2 . TRP A 9  ? 0.0647 0.0949 0.1051 -0.0061 -0.0012 -0.0012 9   TRP A CD2 
75  N NE1 . TRP A 9  ? 0.0508 0.1772 0.1588 -0.0003 0.0061  0.0079  9   TRP A NE1 
76  C CE2 . TRP A 9  ? 0.0544 0.0969 0.1449 -0.0053 -0.0061 0.0018  9   TRP A CE2 
77  C CE3 . TRP A 9  ? 0.1070 0.1403 0.0885 0.0345  0.0097  -0.0100 9   TRP A CE3 
78  C CZ2 . TRP A 9  ? 0.0881 0.1488 0.1573 0.0089  -0.0332 0.0033  9   TRP A CZ2 
79  C CZ3 . TRP A 9  ? 0.1329 0.2011 0.0827 0.0292  -0.0090 -0.0063 9   TRP A CZ3 
80  C CH2 . TRP A 9  ? 0.1407 0.1576 0.1100 0.0332  -0.0419 -0.0224 9   TRP A CH2 
81  N N   . TYR A 10 ? 0.0717 0.0582 0.0721 0.0022  0.0164  0.0049  10  TYR A N   
82  C CA  . TYR A 10 ? 0.0822 0.0661 0.0709 0.0070  0.0275  0.0030  10  TYR A CA  
83  C C   . TYR A 10 ? 0.0696 0.0826 0.0856 0.0017  0.0257  -0.0160 10  TYR A C   
84  O O   . TYR A 10 ? 0.0810 0.1090 0.1065 0.0186  0.0332  -0.0208 10  TYR A O   
85  C CB  . TYR A 10 ? 0.0947 0.0856 0.0690 0.0137  0.0050  -0.0073 10  TYR A CB  
86  C CG  . TYR A 10 ? 0.0681 0.0710 0.0784 0.0029  -0.0042 -0.0162 10  TYR A CG  
87  C CD1 . TYR A 10 ? 0.1376 0.0729 0.1299 0.0047  0.0523  -0.0261 10  TYR A CD1 
88  C CD2 . TYR A 10 ? 0.0648 0.0589 0.1092 0.0165  0.0035  0.0022  10  TYR A CD2 
89  C CE1 . TYR A 10 ? 0.1409 0.0532 0.1586 0.0087  0.0537  -0.0213 10  TYR A CE1 
90  C CE2 . TYR A 10 ? 0.0473 0.0634 0.1333 0.0021  0.0059  -0.0067 10  TYR A CE2 
91  C CZ  . TYR A 10 ? 0.0806 0.0473 0.1104 -0.0110 0.0001  -0.0135 10  TYR A CZ  
92  O OH  . TYR A 10 ? 0.1087 0.0532 0.1729 -0.0043 0.0340  -0.0109 10  TYR A OH  
93  O OXT . TYR A 10 ? 0.0733 0.0981 0.0942 0.0270  0.0039  -0.0059 10  TYR A OXT 
94  O O   . HOH B .  ? 0.3095 0.7570 0.2048 0.0603  -0.0615 -0.0350 101 HOH A O   
95  O O   . HOH B .  ? 0.4138 0.4312 0.4798 0.2548  -0.2107 -0.1027 102 HOH A O   
96  O O   . HOH B .  ? 0.1290 0.0847 0.1752 0.0021  0.0575  0.0149  103 HOH A O   
97  O O   . HOH B .  ? 0.3425 0.4863 0.1455 0.2312  -0.0781 -0.0426 104 HOH A O   
98  O O   . HOH B .  ? 0.4421 0.1740 0.2180 -0.0234 -0.1056 0.0093  105 HOH A O   
99  O O   . HOH B .  ? 0.1565 0.2223 0.1565 0.0613  0.0205  0.0537  106 HOH A O   
100 O O   . HOH B .  ? 0.5129 0.3713 0.3722 -0.0732 -0.2050 -0.0468 107 HOH A O   
101 O O   . HOH B .  ? 0.1532 0.2145 0.3231 0.0190  -0.1042 0.0010  108 HOH A O   
102 O O   . HOH B .  ? 1.0386 0.9725 0.5914 -0.0066 -0.0424 0.1039  109 HOH A O   
103 O O   . HOH B .  ? 0.1298 0.3459 0.1980 -0.0493 0.0111  -0.0532 110 HOH A O   
104 O O   . HOH B .  ? 0.2675 0.5181 0.1433 0.0874  0.1241  0.0741  111 HOH A O   
105 O O   . HOH B .  ? 0.8881 0.7617 0.7943 -0.0115 -0.0651 0.0059  112 HOH A O   
# 
